data_1RMK
#
_entry.id   1RMK
#
_entity_poly.entity_id   1
_entity_poly.type   'polypeptide(L)'
_entity_poly.pdbx_seq_one_letter_code
;ACSKKWEYCIVPILGFVYCCPGLICGPFVCV
;
_entity_poly.pdbx_strand_id   A
#
# COMPACT_ATOMS: atom_id res chain seq x y z
N ALA A 1 0.01 4.63 -8.76
CA ALA A 1 0.96 5.25 -7.81
C ALA A 1 1.28 4.29 -6.68
N CYS A 2 2.51 4.34 -6.19
CA CYS A 2 2.93 3.47 -5.11
C CYS A 2 2.64 4.11 -3.75
N SER A 3 2.04 3.34 -2.86
CA SER A 3 1.70 3.83 -1.53
C SER A 3 2.93 3.87 -0.63
N LYS A 4 2.99 4.88 0.22
CA LYS A 4 4.10 5.04 1.16
C LYS A 4 3.87 4.12 2.35
N LYS A 5 4.96 3.71 2.98
CA LYS A 5 4.89 2.79 4.11
C LYS A 5 3.85 3.16 5.15
N TRP A 6 4.08 4.17 5.92
CA TRP A 6 3.13 4.56 6.93
C TRP A 6 2.01 5.40 6.33
N GLU A 7 1.66 5.12 5.08
CA GLU A 7 0.59 5.86 4.44
C GLU A 7 -0.73 5.09 4.56
N TYR A 8 -1.39 4.84 3.44
CA TYR A 8 -2.65 4.12 3.45
C TYR A 8 -2.74 3.19 2.25
N CYS A 9 -3.11 1.94 2.50
CA CYS A 9 -3.26 0.95 1.45
C CYS A 9 -4.04 -0.25 1.96
N ILE A 10 -5.13 -0.56 1.27
CA ILE A 10 -5.97 -1.69 1.64
C ILE A 10 -5.78 -2.80 0.60
N VAL A 11 -5.81 -4.05 1.04
CA VAL A 11 -5.62 -5.18 0.13
C VAL A 11 -6.81 -6.15 0.10
N PRO A 12 -7.97 -5.70 -0.42
CA PRO A 12 -9.16 -6.55 -0.53
C PRO A 12 -8.96 -7.65 -1.57
N ILE A 13 -9.42 -8.86 -1.23
CA ILE A 13 -9.30 -10.02 -2.11
C ILE A 13 -10.20 -9.91 -3.33
N LEU A 14 -9.88 -8.95 -4.19
CA LEU A 14 -10.62 -8.68 -5.41
C LEU A 14 -9.84 -7.63 -6.19
N GLY A 15 -9.19 -6.75 -5.45
CA GLY A 15 -8.39 -5.69 -6.04
C GLY A 15 -7.75 -4.86 -4.97
N PHE A 16 -6.47 -4.54 -5.14
CA PHE A 16 -5.75 -3.75 -4.14
C PHE A 16 -4.71 -2.84 -4.78
N VAL A 17 -4.22 -1.89 -3.98
CA VAL A 17 -3.21 -0.95 -4.44
C VAL A 17 -1.83 -1.59 -4.39
N TYR A 18 -0.79 -0.80 -4.57
CA TYR A 18 0.57 -1.30 -4.54
C TYR A 18 1.53 -0.24 -4.02
N CYS A 19 2.42 -0.66 -3.14
CA CYS A 19 3.41 0.24 -2.55
C CYS A 19 4.62 0.39 -3.47
N CYS A 20 5.50 1.31 -3.11
CA CYS A 20 6.71 1.53 -3.88
C CYS A 20 7.62 0.32 -3.74
N PRO A 21 8.47 0.05 -4.72
CA PRO A 21 9.36 -1.10 -4.68
C PRO A 21 10.14 -1.16 -3.38
N GLY A 22 9.85 -2.18 -2.61
CA GLY A 22 10.48 -2.38 -1.33
C GLY A 22 9.48 -2.44 -0.20
N LEU A 23 8.37 -1.74 -0.35
CA LEU A 23 7.34 -1.72 0.67
C LEU A 23 6.14 -2.55 0.24
N ILE A 24 5.44 -3.15 1.20
CA ILE A 24 4.28 -3.96 0.90
C ILE A 24 3.07 -3.57 1.77
N CYS A 25 1.91 -3.45 1.14
CA CYS A 25 0.68 -3.07 1.84
C CYS A 25 0.31 -4.07 2.92
N GLY A 26 -0.31 -3.59 3.99
CA GLY A 26 -0.71 -4.45 5.08
C GLY A 26 -2.00 -3.99 5.74
N PRO A 27 -2.01 -3.80 7.07
CA PRO A 27 -3.20 -3.38 7.83
C PRO A 27 -3.63 -1.94 7.55
N PHE A 28 -4.12 -1.71 6.33
CA PHE A 28 -4.57 -0.39 5.88
C PHE A 28 -3.41 0.60 5.83
N VAL A 29 -2.20 0.06 5.73
CA VAL A 29 -0.98 0.87 5.63
C VAL A 29 0.01 0.07 4.82
N CYS A 30 1.27 0.41 4.93
CA CYS A 30 2.32 -0.29 4.22
C CYS A 30 3.47 -0.57 5.18
N VAL A 31 4.28 -1.56 4.89
CA VAL A 31 5.40 -1.91 5.75
C VAL A 31 6.62 -2.24 4.91
N ALA A 1 2.76 4.61 -9.95
CA ALA A 1 2.35 5.09 -8.62
C ALA A 1 2.69 4.05 -7.57
N CYS A 2 3.02 4.50 -6.37
CA CYS A 2 3.39 3.61 -5.28
C CYS A 2 3.02 4.24 -3.95
N SER A 3 2.39 3.45 -3.09
CA SER A 3 1.96 3.92 -1.78
C SER A 3 3.14 4.00 -0.82
N LYS A 4 3.12 5.00 0.04
CA LYS A 4 4.16 5.19 1.04
C LYS A 4 3.95 4.20 2.18
N LYS A 5 5.03 3.81 2.84
CA LYS A 5 4.94 2.83 3.92
C LYS A 5 3.87 3.18 4.95
N TRP A 6 4.08 4.24 5.69
CA TRP A 6 3.12 4.60 6.70
C TRP A 6 1.95 5.37 6.11
N GLU A 7 1.65 5.08 4.85
CA GLU A 7 0.53 5.72 4.18
C GLU A 7 -0.67 4.78 4.24
N TYR A 8 -1.85 5.34 4.45
CA TYR A 8 -3.07 4.57 4.55
C TYR A 8 -3.37 3.83 3.24
N CYS A 9 -3.30 2.52 3.29
CA CYS A 9 -3.60 1.70 2.12
C CYS A 9 -5.03 1.24 2.22
N ILE A 10 -5.82 1.53 1.20
CA ILE A 10 -7.24 1.19 1.18
C ILE A 10 -7.44 -0.32 1.29
N VAL A 11 -6.66 -1.08 0.53
CA VAL A 11 -6.77 -2.53 0.56
C VAL A 11 -5.88 -3.13 1.64
N PRO A 12 -6.45 -3.99 2.50
CA PRO A 12 -5.70 -4.63 3.57
C PRO A 12 -5.01 -5.91 3.11
N ILE A 13 -4.90 -6.86 4.03
CA ILE A 13 -4.27 -8.15 3.77
C ILE A 13 -5.07 -8.93 2.72
N LEU A 14 -4.81 -8.57 1.48
CA LEU A 14 -5.48 -9.15 0.34
C LEU A 14 -4.75 -8.63 -0.91
N GLY A 15 -4.39 -7.35 -0.85
CA GLY A 15 -3.67 -6.75 -1.95
C GLY A 15 -4.57 -6.25 -3.08
N PHE A 16 -4.14 -5.18 -3.71
CA PHE A 16 -4.88 -4.56 -4.82
C PHE A 16 -4.02 -3.44 -5.41
N VAL A 17 -3.54 -2.57 -4.53
CA VAL A 17 -2.66 -1.48 -4.94
C VAL A 17 -1.22 -1.96 -4.81
N TYR A 18 -0.27 -1.07 -4.97
CA TYR A 18 1.13 -1.44 -4.87
C TYR A 18 1.97 -0.30 -4.35
N CYS A 19 2.71 -0.57 -3.29
CA CYS A 19 3.60 0.40 -2.68
C CYS A 19 4.86 0.55 -3.53
N CYS A 20 5.75 1.44 -3.10
CA CYS A 20 7.00 1.63 -3.82
C CYS A 20 7.84 0.38 -3.65
N PRO A 21 8.73 0.07 -4.61
CA PRO A 21 9.54 -1.12 -4.53
C PRO A 21 10.25 -1.26 -3.20
N GLY A 22 9.83 -2.27 -2.48
CA GLY A 22 10.38 -2.54 -1.18
C GLY A 22 9.30 -2.54 -0.10
N LEU A 23 8.24 -1.78 -0.30
CA LEU A 23 7.16 -1.70 0.67
C LEU A 23 5.94 -2.47 0.17
N ILE A 24 5.17 -3.03 1.10
CA ILE A 24 3.97 -3.78 0.75
C ILE A 24 2.80 -3.46 1.69
N CYS A 25 1.62 -3.27 1.10
CA CYS A 25 0.41 -2.95 1.88
C CYS A 25 0.06 -4.08 2.85
N GLY A 26 -0.47 -3.71 4.01
CA GLY A 26 -0.85 -4.68 5.01
C GLY A 26 -2.04 -4.23 5.86
N PRO A 27 -1.81 -3.93 7.15
CA PRO A 27 -2.87 -3.50 8.07
C PRO A 27 -3.39 -2.08 7.81
N PHE A 28 -3.98 -1.89 6.63
CA PHE A 28 -4.54 -0.60 6.20
C PHE A 28 -3.43 0.45 6.05
N VAL A 29 -2.20 -0.03 5.90
CA VAL A 29 -1.05 0.81 5.69
C VAL A 29 -0.05 0.02 4.88
N CYS A 30 1.17 0.46 4.84
CA CYS A 30 2.21 -0.24 4.11
C CYS A 30 3.36 -0.53 5.06
N VAL A 31 4.15 -1.54 4.77
CA VAL A 31 5.28 -1.90 5.61
C VAL A 31 6.49 -2.24 4.77
N ALA A 1 2.60 4.56 -9.74
CA ALA A 1 2.57 5.35 -8.48
C ALA A 1 2.65 4.43 -7.28
N CYS A 2 3.41 4.81 -6.27
CA CYS A 2 3.56 3.99 -5.08
C CYS A 2 3.21 4.79 -3.83
N SER A 3 2.42 4.18 -2.96
CA SER A 3 1.98 4.82 -1.73
C SER A 3 3.06 4.78 -0.66
N LYS A 4 3.04 5.79 0.21
CA LYS A 4 4.00 5.90 1.30
C LYS A 4 3.79 4.77 2.31
N LYS A 5 4.89 4.29 2.90
CA LYS A 5 4.81 3.18 3.85
C LYS A 5 3.76 3.40 4.94
N TRP A 6 3.96 4.38 5.78
CA TRP A 6 3.02 4.63 6.85
C TRP A 6 1.82 5.41 6.35
N GLU A 7 1.48 5.17 5.09
CA GLU A 7 0.34 5.83 4.47
C GLU A 7 -0.82 4.86 4.40
N TYR A 8 -2.02 5.33 4.70
CA TYR A 8 -3.20 4.50 4.68
C TYR A 8 -3.45 3.99 3.26
N CYS A 9 -3.43 2.68 3.08
CA CYS A 9 -3.62 2.07 1.77
C CYS A 9 -5.09 2.09 1.34
N ILE A 10 -5.68 3.27 1.32
CA ILE A 10 -7.07 3.44 0.91
C ILE A 10 -7.16 3.45 -0.62
N VAL A 11 -6.75 2.34 -1.22
CA VAL A 11 -6.75 2.19 -2.65
C VAL A 11 -8.15 2.25 -3.24
N PRO A 12 -8.36 3.11 -4.25
CA PRO A 12 -9.66 3.27 -4.90
C PRO A 12 -10.09 2.01 -5.63
N ILE A 13 -11.35 1.65 -5.50
CA ILE A 13 -11.89 0.45 -6.14
C ILE A 13 -11.66 0.46 -7.66
N LEU A 14 -11.74 1.64 -8.26
CA LEU A 14 -11.54 1.78 -9.69
C LEU A 14 -10.14 2.31 -10.00
N GLY A 15 -9.18 2.01 -9.13
CA GLY A 15 -7.83 2.47 -9.35
C GLY A 15 -6.91 2.12 -8.19
N PHE A 16 -6.83 0.84 -7.88
CA PHE A 16 -5.99 0.37 -6.77
C PHE A 16 -4.53 0.73 -6.99
N VAL A 17 -3.89 1.23 -5.94
CA VAL A 17 -2.49 1.63 -6.00
C VAL A 17 -1.61 0.49 -5.50
N TYR A 18 -0.33 0.78 -5.33
CA TYR A 18 0.63 -0.21 -4.86
C TYR A 18 1.82 0.52 -4.24
N CYS A 19 2.46 -0.09 -3.25
CA CYS A 19 3.61 0.51 -2.58
C CYS A 19 4.84 0.53 -3.47
N CYS A 20 5.83 1.32 -3.05
CA CYS A 20 7.09 1.41 -3.78
C CYS A 20 7.83 0.10 -3.65
N PRO A 21 8.68 -0.25 -4.62
CA PRO A 21 9.44 -1.49 -4.57
C PRO A 21 10.19 -1.65 -3.26
N GLY A 22 9.80 -2.66 -2.52
CA GLY A 22 10.37 -2.92 -1.23
C GLY A 22 9.34 -2.87 -0.12
N LEU A 23 8.33 -2.03 -0.30
CA LEU A 23 7.27 -1.90 0.68
C LEU A 23 6.00 -2.58 0.18
N ILE A 24 5.16 -3.04 1.09
CA ILE A 24 3.92 -3.72 0.72
C ILE A 24 2.78 -3.38 1.68
N CYS A 25 1.60 -3.09 1.12
CA CYS A 25 0.43 -2.77 1.92
C CYS A 25 0.00 -3.97 2.77
N GLY A 26 -0.28 -3.72 4.04
CA GLY A 26 -0.69 -4.78 4.94
C GLY A 26 -1.87 -4.39 5.79
N PRO A 27 -1.64 -4.02 7.07
CA PRO A 27 -2.70 -3.62 8.01
C PRO A 27 -3.31 -2.25 7.69
N PHE A 28 -3.84 -2.13 6.48
CA PHE A 28 -4.45 -0.89 5.99
C PHE A 28 -3.42 0.22 5.88
N VAL A 29 -2.14 -0.17 5.91
CA VAL A 29 -1.01 0.74 5.77
C VAL A 29 0.11 -0.04 5.13
N CYS A 30 1.10 0.64 4.59
CA CYS A 30 2.20 -0.04 3.96
C CYS A 30 3.29 -0.37 4.98
N VAL A 31 4.05 -1.42 4.73
CA VAL A 31 5.12 -1.81 5.63
C VAL A 31 6.33 -2.26 4.82
N ALA A 1 0.90 4.69 -9.23
CA ALA A 1 1.64 5.42 -8.16
C ALA A 1 1.85 4.50 -6.97
N CYS A 2 3.02 4.59 -6.36
CA CYS A 2 3.34 3.75 -5.21
C CYS A 2 3.04 4.50 -3.91
N SER A 3 2.37 3.82 -2.99
CA SER A 3 2.00 4.40 -1.71
C SER A 3 3.16 4.32 -0.73
N LYS A 4 3.32 5.35 0.09
CA LYS A 4 4.39 5.38 1.09
C LYS A 4 4.07 4.37 2.19
N LYS A 5 5.10 3.93 2.90
CA LYS A 5 4.92 2.94 3.95
C LYS A 5 3.81 3.29 4.94
N TRP A 6 4.00 4.34 5.69
CA TRP A 6 3.01 4.72 6.67
C TRP A 6 1.89 5.52 6.03
N GLU A 7 1.60 5.22 4.76
CA GLU A 7 0.51 5.90 4.05
C GLU A 7 -0.83 5.32 4.49
N TYR A 8 -1.63 4.88 3.52
CA TYR A 8 -2.93 4.30 3.79
C TYR A 8 -3.37 3.52 2.57
N CYS A 9 -3.86 2.30 2.78
CA CYS A 9 -4.30 1.48 1.67
C CYS A 9 -5.42 0.53 2.09
N ILE A 10 -6.47 0.52 1.29
CA ILE A 10 -7.64 -0.32 1.54
C ILE A 10 -8.07 -0.98 0.23
N VAL A 11 -7.11 -1.56 -0.46
CA VAL A 11 -7.36 -2.21 -1.74
C VAL A 11 -8.18 -3.48 -1.55
N PRO A 12 -9.20 -3.68 -2.42
CA PRO A 12 -10.06 -4.86 -2.35
C PRO A 12 -9.39 -6.11 -2.90
N ILE A 13 -10.19 -7.12 -3.21
CA ILE A 13 -9.69 -8.39 -3.74
C ILE A 13 -8.90 -8.21 -5.03
N LEU A 14 -9.31 -7.25 -5.86
CA LEU A 14 -8.63 -7.00 -7.13
C LEU A 14 -7.63 -5.86 -6.99
N GLY A 15 -7.29 -5.52 -5.75
CA GLY A 15 -6.35 -4.45 -5.50
C GLY A 15 -6.84 -3.11 -6.00
N PHE A 16 -5.90 -2.19 -6.24
CA PHE A 16 -6.22 -0.85 -6.74
C PHE A 16 -4.94 -0.02 -6.81
N VAL A 17 -4.22 0.00 -5.70
CA VAL A 17 -2.96 0.73 -5.60
C VAL A 17 -1.84 -0.25 -5.29
N TYR A 18 -0.64 0.27 -5.06
CA TYR A 18 0.52 -0.55 -4.75
C TYR A 18 1.62 0.30 -4.14
N CYS A 19 2.37 -0.29 -3.22
CA CYS A 19 3.46 0.43 -2.55
C CYS A 19 4.68 0.54 -3.45
N CYS A 20 5.63 1.38 -3.03
CA CYS A 20 6.86 1.54 -3.77
C CYS A 20 7.69 0.27 -3.63
N PRO A 21 8.55 -0.03 -4.61
CA PRO A 21 9.37 -1.23 -4.57
C PRO A 21 10.14 -1.35 -3.26
N GLY A 22 9.79 -2.37 -2.52
CA GLY A 22 10.41 -2.61 -1.23
C GLY A 22 9.40 -2.64 -0.11
N LEU A 23 8.32 -1.86 -0.25
CA LEU A 23 7.28 -1.80 0.75
C LEU A 23 6.05 -2.56 0.27
N ILE A 24 5.28 -3.11 1.21
CA ILE A 24 4.08 -3.87 0.86
C ILE A 24 2.91 -3.48 1.77
N CYS A 25 1.76 -3.21 1.15
CA CYS A 25 0.55 -2.84 1.88
C CYS A 25 0.07 -4.01 2.75
N GLY A 26 -0.38 -3.69 3.97
CA GLY A 26 -0.85 -4.73 4.88
C GLY A 26 -2.04 -4.29 5.71
N PRO A 27 -1.83 -4.00 7.01
CA PRO A 27 -2.90 -3.59 7.94
C PRO A 27 -3.42 -2.18 7.69
N PHE A 28 -3.96 -1.97 6.50
CA PHE A 28 -4.52 -0.68 6.06
C PHE A 28 -3.41 0.36 5.92
N VAL A 29 -2.16 -0.10 5.97
CA VAL A 29 -0.99 0.74 5.81
C VAL A 29 0.11 -0.10 5.20
N CYS A 30 1.11 0.54 4.66
CA CYS A 30 2.21 -0.18 4.05
C CYS A 30 3.29 -0.46 5.09
N VAL A 31 4.08 -1.49 4.86
CA VAL A 31 5.15 -1.85 5.78
C VAL A 31 6.40 -2.23 5.00
N ALA A 1 2.82 4.84 -9.84
CA ALA A 1 2.91 5.59 -8.55
C ALA A 1 2.98 4.60 -7.39
N CYS A 2 3.82 4.88 -6.42
CA CYS A 2 3.98 4.01 -5.27
C CYS A 2 3.53 4.71 -4.00
N SER A 3 2.73 4.02 -3.21
CA SER A 3 2.19 4.55 -1.98
C SER A 3 3.25 4.57 -0.88
N LYS A 4 3.20 5.61 -0.04
CA LYS A 4 4.13 5.75 1.08
C LYS A 4 3.91 4.62 2.07
N LYS A 5 4.97 4.16 2.71
CA LYS A 5 4.86 3.05 3.66
C LYS A 5 3.79 3.30 4.71
N TRP A 6 3.90 4.37 5.44
CA TRP A 6 2.92 4.65 6.48
C TRP A 6 1.66 5.28 5.90
N GLU A 7 1.37 4.95 4.64
CA GLU A 7 0.16 5.45 3.99
C GLU A 7 -0.99 4.53 4.39
N TYR A 8 -2.18 5.10 4.54
CA TYR A 8 -3.36 4.33 4.90
C TYR A 8 -3.85 3.51 3.70
N CYS A 9 -2.98 2.65 3.19
CA CYS A 9 -3.31 1.82 2.05
C CYS A 9 -4.29 0.72 2.44
N ILE A 10 -5.54 0.90 2.06
CA ILE A 10 -6.58 -0.06 2.37
C ILE A 10 -7.10 -0.71 1.09
N VAL A 11 -6.21 -0.78 0.08
CA VAL A 11 -6.50 -1.37 -1.23
C VAL A 11 -7.95 -1.13 -1.72
N PRO A 12 -8.36 0.15 -1.85
CA PRO A 12 -9.70 0.48 -2.31
C PRO A 12 -9.89 0.18 -3.80
N ILE A 13 -11.06 -0.35 -4.16
CA ILE A 13 -11.35 -0.70 -5.55
C ILE A 13 -11.21 0.50 -6.48
N LEU A 14 -11.46 1.69 -5.95
CA LEU A 14 -11.35 2.92 -6.72
C LEU A 14 -9.90 3.23 -7.09
N GLY A 15 -8.97 2.71 -6.30
CA GLY A 15 -7.57 2.95 -6.55
C GLY A 15 -6.69 2.34 -5.49
N PHE A 16 -6.44 1.05 -5.61
CA PHE A 16 -5.61 0.32 -4.65
C PHE A 16 -4.15 0.72 -4.74
N VAL A 17 -3.71 1.08 -5.95
CA VAL A 17 -2.32 1.48 -6.20
C VAL A 17 -1.36 0.37 -5.79
N TYR A 18 -0.16 0.75 -5.42
CA TYR A 18 0.88 -0.18 -5.01
C TYR A 18 2.03 0.57 -4.36
N CYS A 19 2.63 0.00 -3.33
CA CYS A 19 3.73 0.64 -2.62
C CYS A 19 5.00 0.67 -3.46
N CYS A 20 5.97 1.43 -3.00
CA CYS A 20 7.26 1.53 -3.68
C CYS A 20 7.99 0.21 -3.55
N PRO A 21 8.88 -0.11 -4.49
CA PRO A 21 9.62 -1.37 -4.45
C PRO A 21 10.28 -1.58 -3.10
N GLY A 22 9.82 -2.62 -2.43
CA GLY A 22 10.32 -2.94 -1.11
C GLY A 22 9.23 -2.87 -0.06
N LEU A 23 8.26 -1.98 -0.27
CA LEU A 23 7.16 -1.81 0.66
C LEU A 23 5.91 -2.51 0.13
N ILE A 24 5.08 -3.02 1.02
CA ILE A 24 3.86 -3.70 0.64
C ILE A 24 2.70 -3.38 1.57
N CYS A 25 1.54 -3.06 0.98
CA CYS A 25 0.34 -2.74 1.77
C CYS A 25 -0.05 -3.91 2.66
N GLY A 26 -0.42 -3.62 3.91
CA GLY A 26 -0.79 -4.68 4.83
C GLY A 26 -1.93 -4.29 5.76
N PRO A 27 -1.65 -4.13 7.08
CA PRO A 27 -2.66 -3.78 8.09
C PRO A 27 -3.22 -2.36 7.97
N PHE A 28 -3.89 -2.11 6.85
CA PHE A 28 -4.49 -0.81 6.55
C PHE A 28 -3.42 0.27 6.35
N VAL A 29 -2.17 -0.18 6.25
CA VAL A 29 -1.03 0.69 6.03
C VAL A 29 0.03 -0.12 5.30
N CYS A 30 0.99 0.52 4.70
CA CYS A 30 2.04 -0.18 3.99
C CYS A 30 3.19 -0.47 4.95
N VAL A 31 3.98 -1.48 4.67
CA VAL A 31 5.09 -1.83 5.55
C VAL A 31 6.30 -2.21 4.71
N ALA A 1 1.56 4.59 -9.47
CA ALA A 1 1.80 5.30 -8.19
C ALA A 1 2.03 4.30 -7.08
N CYS A 2 2.97 4.58 -6.19
CA CYS A 2 3.28 3.69 -5.08
C CYS A 2 2.86 4.32 -3.76
N SER A 3 2.17 3.53 -2.96
CA SER A 3 1.68 3.99 -1.66
C SER A 3 2.83 4.14 -0.66
N LYS A 4 2.75 5.17 0.17
CA LYS A 4 3.75 5.43 1.18
C LYS A 4 3.65 4.39 2.30
N LYS A 5 4.78 3.97 2.84
CA LYS A 5 4.82 2.94 3.88
C LYS A 5 3.82 3.19 5.02
N TRP A 6 4.04 4.19 5.81
CA TRP A 6 3.14 4.47 6.91
C TRP A 6 1.93 5.23 6.42
N GLU A 7 1.51 4.91 5.21
CA GLU A 7 0.35 5.55 4.60
C GLU A 7 -0.63 4.48 4.13
N TYR A 8 -1.91 4.83 4.10
CA TYR A 8 -2.94 3.90 3.68
C TYR A 8 -2.71 3.45 2.24
N CYS A 9 -2.66 2.14 2.05
CA CYS A 9 -2.45 1.57 0.72
C CYS A 9 -3.55 2.00 -0.24
N ILE A 10 -4.80 1.99 0.25
CA ILE A 10 -5.97 2.39 -0.52
C ILE A 10 -6.31 1.38 -1.61
N VAL A 11 -7.58 1.02 -1.71
CA VAL A 11 -8.03 0.08 -2.72
C VAL A 11 -9.34 0.57 -3.35
N PRO A 12 -9.28 1.02 -4.60
CA PRO A 12 -10.45 1.52 -5.32
C PRO A 12 -11.40 0.41 -5.73
N ILE A 13 -12.70 0.72 -5.80
CA ILE A 13 -13.71 -0.25 -6.18
C ILE A 13 -13.61 -0.57 -7.68
N LEU A 14 -12.49 -1.18 -8.04
CA LEU A 14 -12.20 -1.55 -9.42
C LEU A 14 -10.85 -2.28 -9.48
N GLY A 15 -10.04 -2.07 -8.44
CA GLY A 15 -8.75 -2.70 -8.35
C GLY A 15 -8.07 -2.39 -7.04
N PHE A 16 -6.79 -2.06 -7.09
CA PHE A 16 -6.03 -1.73 -5.89
C PHE A 16 -4.71 -1.08 -6.27
N VAL A 17 -4.17 -0.28 -5.36
CA VAL A 17 -2.89 0.39 -5.60
C VAL A 17 -1.74 -0.54 -5.20
N TYR A 18 -0.54 0.00 -5.10
CA TYR A 18 0.63 -0.79 -4.76
C TYR A 18 1.71 0.11 -4.15
N CYS A 19 2.43 -0.41 -3.17
CA CYS A 19 3.48 0.36 -2.53
C CYS A 19 4.72 0.47 -3.41
N CYS A 20 5.65 1.33 -3.00
CA CYS A 20 6.88 1.52 -3.74
C CYS A 20 7.72 0.26 -3.64
N PRO A 21 8.59 0.01 -4.61
CA PRO A 21 9.43 -1.19 -4.59
C PRO A 21 10.18 -1.33 -3.28
N GLY A 22 9.84 -2.38 -2.58
CA GLY A 22 10.44 -2.65 -1.29
C GLY A 22 9.42 -2.66 -0.18
N LEU A 23 8.36 -1.86 -0.35
CA LEU A 23 7.30 -1.78 0.64
C LEU A 23 6.10 -2.61 0.19
N ILE A 24 5.39 -3.19 1.15
CA ILE A 24 4.22 -4.01 0.85
C ILE A 24 3.01 -3.60 1.70
N CYS A 25 1.87 -3.45 1.03
CA CYS A 25 0.63 -3.05 1.71
C CYS A 25 0.25 -4.05 2.80
N GLY A 26 -0.23 -3.54 3.93
CA GLY A 26 -0.61 -4.40 5.03
C GLY A 26 -1.89 -3.95 5.71
N PRO A 27 -1.88 -3.83 7.06
CA PRO A 27 -3.05 -3.43 7.86
C PRO A 27 -3.50 -1.98 7.62
N PHE A 28 -4.06 -1.73 6.44
CA PHE A 28 -4.54 -0.40 6.04
C PHE A 28 -3.38 0.59 5.95
N VAL A 29 -2.17 0.04 5.80
CA VAL A 29 -0.95 0.84 5.66
C VAL A 29 0.02 0.05 4.81
N CYS A 30 1.29 0.33 4.96
CA CYS A 30 2.33 -0.36 4.22
C CYS A 30 3.51 -0.60 5.15
N VAL A 31 4.32 -1.60 4.85
CA VAL A 31 5.47 -1.92 5.67
C VAL A 31 6.66 -2.26 4.80
N ALA A 1 -0.56 5.01 -8.05
CA ALA A 1 0.80 5.39 -7.58
C ALA A 1 1.23 4.44 -6.48
N CYS A 2 2.49 4.49 -6.10
CA CYS A 2 2.98 3.62 -5.05
C CYS A 2 2.77 4.27 -3.69
N SER A 3 2.11 3.56 -2.80
CA SER A 3 1.80 4.06 -1.47
C SER A 3 3.02 4.05 -0.56
N LYS A 4 3.12 5.08 0.27
CA LYS A 4 4.22 5.20 1.22
C LYS A 4 3.99 4.24 2.39
N LYS A 5 5.06 3.88 3.08
CA LYS A 5 4.95 2.92 4.18
C LYS A 5 3.84 3.25 5.17
N TRP A 6 4.02 4.28 5.96
CA TRP A 6 3.00 4.63 6.93
C TRP A 6 1.88 5.42 6.27
N GLU A 7 1.63 5.11 5.01
CA GLU A 7 0.58 5.75 4.25
C GLU A 7 -0.54 4.74 4.02
N TYR A 8 -1.77 5.23 4.06
CA TYR A 8 -2.95 4.37 3.87
C TYR A 8 -2.93 3.69 2.50
N CYS A 9 -3.21 2.40 2.49
CA CYS A 9 -3.22 1.62 1.27
C CYS A 9 -4.20 0.46 1.38
N ILE A 10 -4.63 -0.03 0.23
CA ILE A 10 -5.56 -1.16 0.16
C ILE A 10 -5.23 -2.01 -1.06
N VAL A 11 -5.41 -3.32 -0.93
CA VAL A 11 -5.11 -4.24 -2.02
C VAL A 11 -6.17 -4.11 -3.13
N PRO A 12 -5.74 -3.85 -4.38
CA PRO A 12 -6.65 -3.66 -5.52
C PRO A 12 -7.35 -4.96 -5.98
N ILE A 13 -8.06 -5.60 -5.04
CA ILE A 13 -8.82 -6.83 -5.29
C ILE A 13 -7.99 -7.93 -5.94
N LEU A 14 -7.91 -7.90 -7.27
CA LEU A 14 -7.13 -8.89 -8.03
C LEU A 14 -5.64 -8.72 -7.74
N GLY A 15 -5.34 -7.61 -7.09
CA GLY A 15 -3.97 -7.32 -6.72
C GLY A 15 -3.88 -7.01 -5.25
N PHE A 16 -2.71 -7.15 -4.67
CA PHE A 16 -2.54 -6.87 -3.25
C PHE A 16 -1.48 -5.80 -3.02
N VAL A 17 -0.48 -5.76 -3.89
CA VAL A 17 0.58 -4.76 -3.76
C VAL A 17 0.06 -3.41 -4.24
N TYR A 18 0.88 -2.38 -4.07
CA TYR A 18 0.55 -1.03 -4.47
C TYR A 18 1.70 -0.09 -4.11
N CYS A 19 2.34 -0.40 -2.98
CA CYS A 19 3.46 0.37 -2.48
C CYS A 19 4.63 0.43 -3.45
N CYS A 20 5.53 1.37 -3.20
CA CYS A 20 6.72 1.51 -4.04
C CYS A 20 7.56 0.26 -3.86
N PRO A 21 8.35 -0.12 -4.88
CA PRO A 21 9.18 -1.31 -4.79
C PRO A 21 10.03 -1.33 -3.54
N GLY A 22 9.73 -2.28 -2.69
CA GLY A 22 10.43 -2.42 -1.44
C GLY A 22 9.48 -2.49 -0.25
N LEU A 23 8.37 -1.75 -0.33
CA LEU A 23 7.40 -1.73 0.74
C LEU A 23 6.19 -2.59 0.37
N ILE A 24 5.54 -3.18 1.37
CA ILE A 24 4.37 -4.02 1.13
C ILE A 24 3.17 -3.55 1.94
N CYS A 25 2.03 -3.42 1.28
CA CYS A 25 0.80 -2.98 1.93
C CYS A 25 0.28 -4.06 2.89
N GLY A 26 -0.25 -3.63 4.02
CA GLY A 26 -0.76 -4.57 5.01
C GLY A 26 -2.07 -4.12 5.64
N PRO A 27 -2.08 -3.89 6.96
CA PRO A 27 -3.28 -3.47 7.71
C PRO A 27 -3.71 -2.03 7.40
N PHE A 28 -4.09 -1.79 6.15
CA PHE A 28 -4.53 -0.49 5.67
C PHE A 28 -3.38 0.52 5.70
N VAL A 29 -2.16 0.01 5.83
CA VAL A 29 -0.95 0.80 5.83
C VAL A 29 0.17 -0.06 5.28
N CYS A 30 1.17 0.55 4.74
CA CYS A 30 2.29 -0.17 4.16
C CYS A 30 3.36 -0.44 5.23
N VAL A 31 4.21 -1.43 4.99
CA VAL A 31 5.27 -1.76 5.92
C VAL A 31 6.52 -2.15 5.16
N ALA A 1 2.73 4.53 -9.73
CA ALA A 1 2.46 5.28 -8.47
C ALA A 1 2.60 4.35 -7.28
N CYS A 2 3.18 4.85 -6.20
CA CYS A 2 3.37 4.03 -5.00
C CYS A 2 3.05 4.82 -3.74
N SER A 3 2.32 4.20 -2.84
CA SER A 3 1.92 4.83 -1.60
C SER A 3 3.05 4.77 -0.57
N LYS A 4 3.12 5.77 0.29
CA LYS A 4 4.13 5.83 1.34
C LYS A 4 3.91 4.69 2.33
N LYS A 5 4.99 4.22 2.96
CA LYS A 5 4.89 3.11 3.90
C LYS A 5 3.82 3.33 4.97
N TRP A 6 4.02 4.31 5.80
CA TRP A 6 3.05 4.55 6.86
C TRP A 6 1.85 5.34 6.35
N GLU A 7 1.57 5.17 5.05
CA GLU A 7 0.42 5.83 4.45
C GLU A 7 -0.76 4.88 4.46
N TYR A 8 -1.93 5.40 4.78
CA TYR A 8 -3.14 4.60 4.81
C TYR A 8 -3.47 4.08 3.41
N CYS A 9 -3.71 2.78 3.31
CA CYS A 9 -4.02 2.14 2.04
C CYS A 9 -5.44 2.49 1.56
N ILE A 10 -5.69 3.77 1.32
CA ILE A 10 -6.99 4.23 0.86
C ILE A 10 -7.11 3.99 -0.66
N VAL A 11 -6.86 2.74 -1.04
CA VAL A 11 -6.90 2.33 -2.43
C VAL A 11 -8.34 2.09 -2.89
N PRO A 12 -8.69 2.60 -4.08
CA PRO A 12 -10.02 2.45 -4.65
C PRO A 12 -10.33 1.00 -4.97
N ILE A 13 -11.54 0.56 -4.62
CA ILE A 13 -11.95 -0.83 -4.85
C ILE A 13 -11.81 -1.22 -6.33
N LEU A 14 -12.11 -0.29 -7.23
CA LEU A 14 -12.00 -0.55 -8.66
C LEU A 14 -10.70 0.02 -9.22
N GLY A 15 -9.65 0.09 -8.40
CA GLY A 15 -8.39 0.62 -8.86
C GLY A 15 -7.37 0.72 -7.74
N PHE A 16 -7.12 -0.40 -7.08
CA PHE A 16 -6.18 -0.44 -5.97
C PHE A 16 -4.76 -0.08 -6.42
N VAL A 17 -4.08 0.72 -5.62
CA VAL A 17 -2.72 1.15 -5.91
C VAL A 17 -1.72 0.11 -5.38
N TYR A 18 -0.46 0.46 -5.39
CA TYR A 18 0.59 -0.42 -4.92
C TYR A 18 1.75 0.38 -4.36
N CYS A 19 2.43 -0.17 -3.36
CA CYS A 19 3.56 0.51 -2.74
C CYS A 19 4.79 0.41 -3.64
N CYS A 20 5.77 1.27 -3.38
CA CYS A 20 7.00 1.25 -4.16
C CYS A 20 7.78 0.00 -3.84
N PRO A 21 8.65 -0.43 -4.75
CA PRO A 21 9.45 -1.63 -4.55
C PRO A 21 10.22 -1.58 -3.24
N GLY A 22 9.85 -2.49 -2.38
CA GLY A 22 10.45 -2.56 -1.06
C GLY A 22 9.40 -2.57 0.04
N LEU A 23 8.31 -1.84 -0.17
CA LEU A 23 7.23 -1.77 0.81
C LEU A 23 5.99 -2.45 0.26
N ILE A 24 5.18 -3.01 1.14
CA ILE A 24 3.95 -3.69 0.73
C ILE A 24 2.80 -3.37 1.68
N CYS A 25 1.63 -3.05 1.12
CA CYS A 25 0.46 -2.72 1.93
C CYS A 25 -0.01 -3.95 2.72
N GLY A 26 -0.40 -3.73 3.97
CA GLY A 26 -0.85 -4.81 4.82
C GLY A 26 -2.01 -4.40 5.73
N PRO A 27 -1.71 -4.06 7.00
CA PRO A 27 -2.74 -3.67 7.98
C PRO A 27 -3.31 -2.27 7.72
N PHE A 28 -3.88 -2.09 6.54
CA PHE A 28 -4.47 -0.82 6.11
C PHE A 28 -3.41 0.27 5.99
N VAL A 29 -2.14 -0.15 5.99
CA VAL A 29 -1.00 0.74 5.84
C VAL A 29 0.10 -0.06 5.18
N CYS A 30 1.10 0.60 4.65
CA CYS A 30 2.19 -0.09 4.00
C CYS A 30 3.28 -0.43 5.02
N VAL A 31 4.01 -1.49 4.79
CA VAL A 31 5.06 -1.89 5.69
C VAL A 31 6.28 -2.35 4.90
N ALA A 1 1.28 4.46 -9.27
CA ALA A 1 1.59 5.29 -8.08
C ALA A 1 1.81 4.40 -6.87
N CYS A 2 2.81 4.74 -6.06
CA CYS A 2 3.13 3.99 -4.86
C CYS A 2 2.96 4.85 -3.62
N SER A 3 2.22 4.33 -2.66
CA SER A 3 1.97 5.06 -1.42
C SER A 3 3.12 4.89 -0.44
N LYS A 4 3.33 5.90 0.41
CA LYS A 4 4.39 5.84 1.42
C LYS A 4 4.06 4.72 2.42
N LYS A 5 5.08 4.23 3.11
CA LYS A 5 4.91 3.13 4.06
C LYS A 5 3.77 3.36 5.06
N TRP A 6 3.86 4.38 5.85
CA TRP A 6 2.85 4.61 6.86
C TRP A 6 1.61 5.29 6.28
N GLU A 7 1.39 5.10 4.99
CA GLU A 7 0.20 5.67 4.35
C GLU A 7 -0.89 4.62 4.25
N TYR A 8 -2.13 5.04 4.38
CA TYR A 8 -3.26 4.13 4.28
C TYR A 8 -3.46 3.71 2.83
N CYS A 9 -2.87 2.58 2.47
CA CYS A 9 -2.95 2.06 1.11
C CYS A 9 -4.32 1.43 0.81
N ILE A 10 -5.38 2.17 1.13
CA ILE A 10 -6.73 1.69 0.88
C ILE A 10 -7.03 1.71 -0.62
N VAL A 11 -7.48 0.59 -1.14
CA VAL A 11 -7.80 0.48 -2.56
C VAL A 11 -9.11 1.17 -2.89
N PRO A 12 -9.10 2.02 -3.94
CA PRO A 12 -10.29 2.75 -4.38
C PRO A 12 -11.31 1.81 -5.00
N ILE A 13 -12.59 2.10 -4.78
CA ILE A 13 -13.67 1.28 -5.32
C ILE A 13 -13.55 1.12 -6.84
N LEU A 14 -12.99 2.12 -7.50
CA LEU A 14 -12.82 2.06 -8.95
C LEU A 14 -11.36 1.81 -9.34
N GLY A 15 -10.65 1.04 -8.53
CA GLY A 15 -9.26 0.76 -8.85
C GLY A 15 -8.53 0.03 -7.74
N PHE A 16 -7.26 0.35 -7.58
CA PHE A 16 -6.41 -0.26 -6.55
C PHE A 16 -5.08 0.46 -6.48
N VAL A 17 -4.46 0.46 -5.31
CA VAL A 17 -3.18 1.11 -5.12
C VAL A 17 -2.10 0.06 -4.86
N TYR A 18 -0.88 0.51 -4.62
CA TYR A 18 0.23 -0.39 -4.34
C TYR A 18 1.44 0.41 -3.88
N CYS A 19 2.29 -0.21 -3.07
CA CYS A 19 3.48 0.44 -2.56
C CYS A 19 4.62 0.37 -3.55
N CYS A 20 5.62 1.21 -3.38
CA CYS A 20 6.78 1.20 -4.24
C CYS A 20 7.61 -0.03 -3.95
N PRO A 21 8.43 -0.48 -4.90
CA PRO A 21 9.26 -1.65 -4.73
C PRO A 21 10.10 -1.56 -3.47
N GLY A 22 9.79 -2.44 -2.54
CA GLY A 22 10.47 -2.47 -1.27
C GLY A 22 9.50 -2.48 -0.11
N LEU A 23 8.38 -1.78 -0.27
CA LEU A 23 7.36 -1.72 0.76
C LEU A 23 6.14 -2.51 0.34
N ILE A 24 5.44 -3.10 1.29
CA ILE A 24 4.25 -3.89 0.97
C ILE A 24 3.05 -3.47 1.83
N CYS A 25 1.91 -3.27 1.17
CA CYS A 25 0.69 -2.86 1.86
C CYS A 25 0.18 -4.00 2.76
N GLY A 26 -0.28 -3.64 3.95
CA GLY A 26 -0.76 -4.64 4.88
C GLY A 26 -2.04 -4.22 5.59
N PRO A 27 -2.01 -4.06 6.93
CA PRO A 27 -3.18 -3.68 7.74
C PRO A 27 -3.61 -2.22 7.52
N PHE A 28 -4.04 -1.93 6.29
CA PHE A 28 -4.50 -0.60 5.89
C PHE A 28 -3.35 0.40 5.93
N VAL A 29 -2.12 -0.13 5.97
CA VAL A 29 -0.91 0.67 5.98
C VAL A 29 0.19 -0.15 5.34
N CYS A 30 1.18 0.51 4.77
CA CYS A 30 2.27 -0.18 4.13
C CYS A 30 3.37 -0.46 5.16
N VAL A 31 4.19 -1.47 4.91
CA VAL A 31 5.26 -1.82 5.82
C VAL A 31 6.51 -2.19 5.04
N ALA A 1 2.79 3.72 -10.04
CA ALA A 1 2.29 4.47 -8.87
C ALA A 1 2.48 3.63 -7.61
N CYS A 2 2.69 4.28 -6.48
CA CYS A 2 2.87 3.59 -5.22
C CYS A 2 2.39 4.47 -4.07
N SER A 3 3.01 4.35 -2.90
CA SER A 3 2.60 5.16 -1.75
C SER A 3 3.61 5.03 -0.62
N LYS A 4 3.54 5.94 0.35
CA LYS A 4 4.45 5.92 1.49
C LYS A 4 4.14 4.74 2.40
N LYS A 5 5.15 4.26 3.10
CA LYS A 5 4.98 3.11 3.99
C LYS A 5 3.85 3.31 4.99
N TRP A 6 3.96 4.31 5.82
CA TRP A 6 2.94 4.54 6.81
C TRP A 6 1.76 5.29 6.22
N GLU A 7 1.57 5.12 4.92
CA GLU A 7 0.44 5.75 4.24
C GLU A 7 -0.73 4.79 4.21
N TYR A 8 -1.94 5.30 4.30
CA TYR A 8 -3.13 4.47 4.28
C TYR A 8 -3.31 3.84 2.90
N CYS A 9 -3.24 2.52 2.86
CA CYS A 9 -3.39 1.79 1.60
C CYS A 9 -4.85 1.73 1.17
N ILE A 10 -5.34 2.83 0.60
CA ILE A 10 -6.72 2.90 0.14
C ILE A 10 -6.91 2.04 -1.12
N VAL A 11 -7.17 0.76 -0.90
CA VAL A 11 -7.35 -0.18 -2.00
C VAL A 11 -8.70 0.02 -2.66
N PRO A 12 -8.73 -0.03 -4.01
CA PRO A 12 -9.97 0.14 -4.78
C PRO A 12 -10.91 -1.03 -4.59
N ILE A 13 -12.20 -0.76 -4.71
CA ILE A 13 -13.21 -1.80 -4.55
C ILE A 13 -12.95 -2.96 -5.52
N LEU A 14 -12.91 -4.17 -4.95
CA LEU A 14 -12.66 -5.39 -5.73
C LEU A 14 -11.24 -5.39 -6.31
N GLY A 15 -10.33 -4.69 -5.65
CA GLY A 15 -8.95 -4.64 -6.12
C GLY A 15 -8.00 -4.27 -5.01
N PHE A 16 -6.82 -3.78 -5.39
CA PHE A 16 -5.80 -3.38 -4.43
C PHE A 16 -4.69 -2.60 -5.12
N VAL A 17 -4.04 -1.73 -4.36
CA VAL A 17 -2.94 -0.92 -4.90
C VAL A 17 -1.61 -1.62 -4.63
N TYR A 18 -0.52 -0.93 -4.94
CA TYR A 18 0.81 -1.49 -4.72
C TYR A 18 1.78 -0.38 -4.33
N CYS A 19 2.54 -0.63 -3.28
CA CYS A 19 3.51 0.33 -2.79
C CYS A 19 4.75 0.38 -3.67
N CYS A 20 5.67 1.26 -3.33
CA CYS A 20 6.90 1.41 -4.09
C CYS A 20 7.74 0.16 -3.85
N PRO A 21 8.58 -0.24 -4.81
CA PRO A 21 9.41 -1.43 -4.67
C PRO A 21 10.15 -1.44 -3.35
N GLY A 22 9.78 -2.38 -2.52
CA GLY A 22 10.37 -2.52 -1.21
C GLY A 22 9.33 -2.52 -0.12
N LEU A 23 8.25 -1.77 -0.31
CA LEU A 23 7.18 -1.69 0.68
C LEU A 23 5.97 -2.50 0.23
N ILE A 24 5.27 -3.09 1.18
CA ILE A 24 4.08 -3.88 0.87
C ILE A 24 2.91 -3.52 1.79
N CYS A 25 1.73 -3.34 1.20
CA CYS A 25 0.54 -2.98 1.97
C CYS A 25 0.11 -4.11 2.89
N GLY A 26 -0.31 -3.75 4.09
CA GLY A 26 -0.75 -4.73 5.07
C GLY A 26 -2.01 -4.29 5.80
N PRO A 27 -1.90 -4.01 7.12
CA PRO A 27 -3.05 -3.59 7.95
C PRO A 27 -3.55 -2.18 7.64
N PHE A 28 -4.03 -2.00 6.40
CA PHE A 28 -4.54 -0.71 5.91
C PHE A 28 -3.44 0.33 5.84
N VAL A 29 -2.19 -0.12 5.91
CA VAL A 29 -1.02 0.73 5.81
C VAL A 29 0.09 -0.09 5.20
N CYS A 30 1.09 0.55 4.65
CA CYS A 30 2.19 -0.16 4.03
C CYS A 30 3.27 -0.47 5.07
N VAL A 31 4.07 -1.49 4.81
CA VAL A 31 5.13 -1.87 5.71
C VAL A 31 6.38 -2.25 4.93
N ALA A 1 2.08 4.26 -9.57
CA ALA A 1 2.05 5.06 -8.32
C ALA A 1 2.29 4.14 -7.14
N CYS A 2 2.79 4.70 -6.05
CA CYS A 2 3.09 3.92 -4.85
C CYS A 2 2.94 4.81 -3.62
N SER A 3 2.19 4.32 -2.63
CA SER A 3 1.96 5.07 -1.42
C SER A 3 3.09 4.87 -0.41
N LYS A 4 3.28 5.86 0.46
CA LYS A 4 4.32 5.80 1.48
C LYS A 4 4.00 4.68 2.49
N LYS A 5 5.02 4.24 3.21
CA LYS A 5 4.84 3.16 4.17
C LYS A 5 3.69 3.42 5.13
N TRP A 6 3.80 4.43 5.94
CA TRP A 6 2.77 4.74 6.90
C TRP A 6 1.63 5.52 6.26
N GLU A 7 1.39 5.25 4.98
CA GLU A 7 0.30 5.91 4.26
C GLU A 7 -1.05 5.25 4.60
N TYR A 8 -1.76 4.83 3.57
CA TYR A 8 -3.05 4.16 3.74
C TYR A 8 -3.37 3.39 2.47
N CYS A 9 -3.83 2.17 2.62
CA CYS A 9 -4.15 1.34 1.47
C CYS A 9 -5.08 0.19 1.87
N ILE A 10 -6.05 -0.09 1.01
CA ILE A 10 -7.01 -1.16 1.26
C ILE A 10 -6.97 -2.18 0.13
N VAL A 11 -5.92 -2.99 0.12
CA VAL A 11 -5.74 -4.01 -0.90
C VAL A 11 -6.58 -5.24 -0.60
N PRO A 12 -7.16 -5.86 -1.64
CA PRO A 12 -7.99 -7.06 -1.48
C PRO A 12 -7.22 -8.22 -0.87
N ILE A 13 -7.88 -8.96 0.02
CA ILE A 13 -7.28 -10.11 0.71
C ILE A 13 -6.70 -11.12 -0.28
N LEU A 14 -7.29 -11.18 -1.47
CA LEU A 14 -6.85 -12.11 -2.52
C LEU A 14 -5.38 -11.85 -2.89
N GLY A 15 -4.96 -10.60 -2.75
CA GLY A 15 -3.60 -10.25 -3.08
C GLY A 15 -3.52 -9.08 -4.04
N PHE A 16 -2.75 -8.07 -3.67
CA PHE A 16 -2.59 -6.88 -4.49
C PHE A 16 -1.52 -5.96 -3.90
N VAL A 17 -0.67 -5.42 -4.75
CA VAL A 17 0.39 -4.53 -4.30
C VAL A 17 0.04 -3.10 -4.70
N TYR A 18 0.93 -2.16 -4.42
CA TYR A 18 0.72 -0.76 -4.77
C TYR A 18 1.91 0.07 -4.32
N CYS A 19 2.45 -0.28 -3.15
CA CYS A 19 3.59 0.41 -2.58
C CYS A 19 4.81 0.38 -3.51
N CYS A 20 5.74 1.30 -3.27
CA CYS A 20 6.95 1.38 -4.06
C CYS A 20 7.73 0.09 -3.89
N PRO A 21 8.54 -0.32 -4.89
CA PRO A 21 9.31 -1.55 -4.80
C PRO A 21 10.11 -1.62 -3.50
N GLY A 22 9.75 -2.58 -2.69
CA GLY A 22 10.39 -2.76 -1.41
C GLY A 22 9.39 -2.72 -0.27
N LEU A 23 8.37 -1.88 -0.40
CA LEU A 23 7.34 -1.74 0.62
C LEU A 23 6.12 -2.57 0.24
N ILE A 24 5.40 -3.09 1.22
CA ILE A 24 4.22 -3.89 0.96
C ILE A 24 3.04 -3.47 1.83
N CYS A 25 1.89 -3.29 1.21
CA CYS A 25 0.68 -2.91 1.93
C CYS A 25 0.21 -4.05 2.83
N GLY A 26 -0.32 -3.71 3.99
CA GLY A 26 -0.79 -4.71 4.93
C GLY A 26 -2.03 -4.27 5.70
N PRO A 27 -1.89 -4.01 7.02
CA PRO A 27 -3.00 -3.59 7.89
C PRO A 27 -3.51 -2.18 7.60
N PHE A 28 -4.01 -1.98 6.38
CA PHE A 28 -4.54 -0.70 5.92
C PHE A 28 -3.43 0.34 5.83
N VAL A 29 -2.18 -0.13 5.90
CA VAL A 29 -1.01 0.72 5.81
C VAL A 29 0.12 -0.10 5.20
N CYS A 30 1.12 0.57 4.68
CA CYS A 30 2.25 -0.11 4.08
C CYS A 30 3.30 -0.40 5.13
N VAL A 31 4.14 -1.40 4.89
CA VAL A 31 5.19 -1.74 5.83
C VAL A 31 6.46 -2.08 5.07
N ALA A 1 3.15 4.96 -9.67
CA ALA A 1 2.64 5.50 -8.38
C ALA A 1 2.81 4.46 -7.29
N CYS A 2 3.12 4.92 -6.08
CA CYS A 2 3.32 4.02 -4.96
C CYS A 2 2.95 4.72 -3.66
N SER A 3 2.22 4.03 -2.81
CA SER A 3 1.78 4.60 -1.54
C SER A 3 2.93 4.63 -0.53
N LYS A 4 2.92 5.65 0.33
CA LYS A 4 3.94 5.78 1.37
C LYS A 4 3.78 4.65 2.38
N LYS A 5 4.89 4.22 2.97
CA LYS A 5 4.84 3.11 3.93
C LYS A 5 3.79 3.33 5.01
N TRP A 6 3.98 4.32 5.85
CA TRP A 6 3.03 4.57 6.91
C TRP A 6 1.83 5.34 6.40
N GLU A 7 1.52 5.14 5.13
CA GLU A 7 0.37 5.78 4.50
C GLU A 7 -0.69 4.72 4.22
N TYR A 8 -1.95 5.10 4.29
CA TYR A 8 -3.04 4.17 4.02
C TYR A 8 -3.00 3.72 2.56
N CYS A 9 -2.71 2.45 2.35
CA CYS A 9 -2.68 1.91 1.00
C CYS A 9 -4.09 1.57 0.55
N ILE A 10 -4.55 2.26 -0.49
CA ILE A 10 -5.89 2.05 -1.02
C ILE A 10 -6.00 0.68 -1.67
N VAL A 11 -7.03 -0.07 -1.32
CA VAL A 11 -7.24 -1.40 -1.87
C VAL A 11 -8.64 -1.56 -2.47
N PRO A 12 -8.93 -0.85 -3.59
CA PRO A 12 -10.23 -0.92 -4.26
C PRO A 12 -10.52 -2.33 -4.78
N ILE A 13 -11.80 -2.69 -4.79
CA ILE A 13 -12.22 -4.00 -5.26
C ILE A 13 -11.75 -4.24 -6.70
N LEU A 14 -10.90 -5.25 -6.87
CA LEU A 14 -10.34 -5.62 -8.16
C LEU A 14 -9.54 -4.47 -8.78
N GLY A 15 -8.91 -3.67 -7.93
CA GLY A 15 -8.12 -2.55 -8.41
C GLY A 15 -7.28 -1.93 -7.31
N PHE A 16 -6.69 -2.78 -6.49
CA PHE A 16 -5.85 -2.34 -5.39
C PHE A 16 -4.53 -1.76 -5.90
N VAL A 17 -4.01 -0.76 -5.19
CA VAL A 17 -2.77 -0.13 -5.58
C VAL A 17 -1.59 -0.93 -5.03
N TYR A 18 -0.40 -0.39 -5.16
CA TYR A 18 0.81 -1.06 -4.68
C TYR A 18 1.88 -0.03 -4.33
N CYS A 19 2.60 -0.29 -3.26
CA CYS A 19 3.66 0.59 -2.80
C CYS A 19 4.87 0.48 -3.70
N CYS A 20 5.86 1.34 -3.45
CA CYS A 20 7.08 1.31 -4.24
C CYS A 20 7.84 0.05 -3.92
N PRO A 21 8.70 -0.41 -4.82
CA PRO A 21 9.47 -1.62 -4.61
C PRO A 21 10.20 -1.59 -3.29
N GLY A 22 9.78 -2.47 -2.42
CA GLY A 22 10.34 -2.57 -1.10
C GLY A 22 9.27 -2.52 -0.02
N LEU A 23 8.21 -1.73 -0.26
CA LEU A 23 7.13 -1.61 0.70
C LEU A 23 5.92 -2.42 0.24
N ILE A 24 5.26 -3.08 1.18
CA ILE A 24 4.08 -3.88 0.85
C ILE A 24 2.88 -3.50 1.72
N CYS A 25 1.73 -3.33 1.08
CA CYS A 25 0.50 -2.96 1.78
C CYS A 25 0.10 -4.07 2.76
N GLY A 26 -0.37 -3.68 3.94
CA GLY A 26 -0.77 -4.65 4.94
C GLY A 26 -2.01 -4.22 5.70
N PRO A 27 -1.90 -4.02 7.04
CA PRO A 27 -3.02 -3.63 7.89
C PRO A 27 -3.49 -2.19 7.67
N PHE A 28 -3.96 -1.93 6.46
CA PHE A 28 -4.45 -0.60 6.05
C PHE A 28 -3.29 0.40 6.03
N VAL A 29 -2.06 -0.13 6.04
CA VAL A 29 -0.85 0.68 5.98
C VAL A 29 0.22 -0.15 5.32
N CYS A 30 1.19 0.50 4.73
CA CYS A 30 2.27 -0.19 4.06
C CYS A 30 3.40 -0.48 5.05
N VAL A 31 4.17 -1.50 4.80
CA VAL A 31 5.28 -1.85 5.67
C VAL A 31 6.50 -2.24 4.85
N ALA A 1 2.34 4.40 -9.77
CA ALA A 1 2.06 5.05 -8.47
C ALA A 1 2.36 4.07 -7.34
N CYS A 2 2.75 4.58 -6.19
CA CYS A 2 3.07 3.75 -5.03
C CYS A 2 2.78 4.51 -3.75
N SER A 3 2.16 3.81 -2.80
CA SER A 3 1.81 4.43 -1.53
C SER A 3 2.98 4.37 -0.56
N LYS A 4 3.13 5.42 0.24
CA LYS A 4 4.18 5.51 1.24
C LYS A 4 3.95 4.44 2.31
N LYS A 5 5.02 3.98 2.95
CA LYS A 5 4.89 2.95 3.98
C LYS A 5 3.82 3.27 5.00
N TRP A 6 4.05 4.27 5.81
CA TRP A 6 3.10 4.63 6.83
C TRP A 6 1.99 5.51 6.23
N GLU A 7 1.68 5.27 4.97
CA GLU A 7 0.63 6.04 4.30
C GLU A 7 -0.74 5.40 4.58
N TYR A 8 -1.38 4.94 3.52
CA TYR A 8 -2.68 4.30 3.63
C TYR A 8 -2.94 3.46 2.38
N CYS A 9 -3.52 2.29 2.57
CA CYS A 9 -3.82 1.40 1.46
C CYS A 9 -4.95 0.44 1.84
N ILE A 10 -5.71 0.01 0.84
CA ILE A 10 -6.82 -0.90 1.05
C ILE A 10 -7.30 -1.44 -0.30
N VAL A 11 -7.18 -0.62 -1.34
CA VAL A 11 -7.57 -1.00 -2.68
C VAL A 11 -6.79 -2.23 -3.15
N PRO A 12 -7.44 -3.11 -3.92
CA PRO A 12 -6.81 -4.34 -4.42
C PRO A 12 -5.53 -4.08 -5.20
N ILE A 13 -4.40 -4.34 -4.54
CA ILE A 13 -3.08 -4.16 -5.14
C ILE A 13 -2.90 -5.06 -6.36
N LEU A 14 -3.75 -6.06 -6.44
CA LEU A 14 -3.71 -7.02 -7.54
C LEU A 14 -4.06 -6.35 -8.87
N GLY A 15 -4.79 -5.24 -8.82
CA GLY A 15 -5.15 -4.57 -10.05
C GLY A 15 -5.67 -3.15 -9.86
N PHE A 16 -4.86 -2.30 -9.26
CA PHE A 16 -5.24 -0.91 -9.05
C PHE A 16 -4.02 -0.06 -8.68
N VAL A 17 -3.45 -0.35 -7.52
CA VAL A 17 -2.26 0.37 -7.04
C VAL A 17 -1.36 -0.61 -6.30
N TYR A 18 -0.25 -0.10 -5.78
CA TYR A 18 0.70 -0.93 -5.03
C TYR A 18 1.76 -0.03 -4.41
N CYS A 19 2.37 -0.48 -3.32
CA CYS A 19 3.41 0.29 -2.65
C CYS A 19 4.66 0.40 -3.51
N CYS A 20 5.55 1.31 -3.12
CA CYS A 20 6.81 1.50 -3.84
C CYS A 20 7.64 0.25 -3.69
N PRO A 21 8.51 -0.06 -4.66
CA PRO A 21 9.36 -1.25 -4.59
C PRO A 21 10.12 -1.32 -3.28
N GLY A 22 9.82 -2.34 -2.52
CA GLY A 22 10.44 -2.54 -1.24
C GLY A 22 9.42 -2.55 -0.11
N LEU A 23 8.32 -1.82 -0.29
CA LEU A 23 7.28 -1.75 0.71
C LEU A 23 6.07 -2.57 0.27
N ILE A 24 5.36 -3.15 1.23
CA ILE A 24 4.19 -3.96 0.91
C ILE A 24 2.99 -3.55 1.76
N CYS A 25 1.85 -3.37 1.12
CA CYS A 25 0.62 -2.98 1.81
C CYS A 25 0.17 -4.08 2.79
N GLY A 26 -0.31 -3.66 3.96
CA GLY A 26 -0.75 -4.61 4.96
C GLY A 26 -2.01 -4.17 5.69
N PRO A 27 -1.94 -3.95 7.01
CA PRO A 27 -3.08 -3.54 7.85
C PRO A 27 -3.54 -2.11 7.59
N PHE A 28 -4.03 -1.86 6.38
CA PHE A 28 -4.51 -0.54 5.95
C PHE A 28 -3.35 0.47 5.88
N VAL A 29 -2.13 -0.06 5.94
CA VAL A 29 -0.92 0.76 5.85
C VAL A 29 0.15 -0.10 5.22
N CYS A 30 1.17 0.53 4.67
CA CYS A 30 2.25 -0.18 4.05
C CYS A 30 3.34 -0.49 5.08
N VAL A 31 4.10 -1.54 4.85
CA VAL A 31 5.16 -1.91 5.77
C VAL A 31 6.40 -2.33 4.99
N ALA A 1 1.87 5.03 -9.51
CA ALA A 1 2.54 5.72 -8.37
C ALA A 1 2.60 4.79 -7.17
N CYS A 2 3.73 4.80 -6.48
CA CYS A 2 3.92 3.95 -5.32
C CYS A 2 3.51 4.69 -4.04
N SER A 3 2.76 4.00 -3.20
CA SER A 3 2.27 4.56 -1.96
C SER A 3 3.35 4.54 -0.88
N LYS A 4 3.38 5.59 -0.06
CA LYS A 4 4.34 5.67 1.03
C LYS A 4 4.01 4.61 2.08
N LYS A 5 5.03 4.13 2.77
CA LYS A 5 4.85 3.08 3.77
C LYS A 5 3.76 3.37 4.80
N TRP A 6 3.87 4.46 5.50
CA TRP A 6 2.90 4.75 6.53
C TRP A 6 1.62 5.36 5.96
N GLU A 7 1.35 5.12 4.68
CA GLU A 7 0.11 5.61 4.10
C GLU A 7 -1.01 4.64 4.45
N TYR A 8 -2.18 5.18 4.73
CA TYR A 8 -3.34 4.36 5.08
C TYR A 8 -3.93 3.70 3.83
N CYS A 9 -3.11 2.91 3.14
CA CYS A 9 -3.54 2.23 1.93
C CYS A 9 -4.35 0.98 2.28
N ILE A 10 -5.59 1.21 2.69
CA ILE A 10 -6.50 0.12 3.06
C ILE A 10 -6.75 -0.79 1.84
N VAL A 11 -6.70 -0.20 0.66
CA VAL A 11 -6.91 -0.93 -0.58
C VAL A 11 -5.76 -1.91 -0.84
N PRO A 12 -6.08 -3.15 -1.21
CA PRO A 12 -5.09 -4.18 -1.48
C PRO A 12 -4.27 -3.90 -2.75
N ILE A 13 -2.98 -4.19 -2.69
CA ILE A 13 -2.08 -3.97 -3.82
C ILE A 13 -2.64 -4.62 -5.09
N LEU A 14 -3.15 -5.84 -4.95
CA LEU A 14 -3.73 -6.56 -6.07
C LEU A 14 -5.18 -6.14 -6.30
N GLY A 15 -5.48 -4.88 -6.03
CA GLY A 15 -6.83 -4.37 -6.21
C GLY A 15 -6.81 -2.89 -6.55
N PHE A 16 -5.98 -2.12 -5.86
CA PHE A 16 -5.88 -0.69 -6.10
C PHE A 16 -4.60 -0.13 -5.51
N VAL A 17 -3.90 0.67 -6.32
CA VAL A 17 -2.61 1.29 -5.93
C VAL A 17 -1.55 0.23 -5.65
N TYR A 18 -0.40 0.66 -5.15
CA TYR A 18 0.72 -0.22 -4.84
C TYR A 18 1.86 0.58 -4.21
N CYS A 19 2.57 -0.03 -3.27
CA CYS A 19 3.68 0.64 -2.60
C CYS A 19 4.92 0.69 -3.47
N CYS A 20 5.93 1.41 -3.00
CA CYS A 20 7.19 1.51 -3.70
C CYS A 20 7.92 0.19 -3.57
N PRO A 21 8.81 -0.15 -4.51
CA PRO A 21 9.54 -1.41 -4.46
C PRO A 21 10.22 -1.61 -3.12
N GLY A 22 9.77 -2.63 -2.43
CA GLY A 22 10.28 -2.94 -1.11
C GLY A 22 9.22 -2.87 -0.04
N LEU A 23 8.25 -1.98 -0.23
CA LEU A 23 7.16 -1.82 0.73
C LEU A 23 5.90 -2.48 0.20
N ILE A 24 5.04 -2.95 1.11
CA ILE A 24 3.80 -3.60 0.72
C ILE A 24 2.66 -3.28 1.69
N CYS A 25 1.49 -2.91 1.13
CA CYS A 25 0.32 -2.59 1.96
C CYS A 25 -0.21 -3.85 2.64
N GLY A 26 -0.50 -3.74 3.93
CA GLY A 26 -1.00 -4.89 4.67
C GLY A 26 -2.00 -4.51 5.76
N PRO A 27 -1.54 -4.11 6.95
CA PRO A 27 -2.41 -3.74 8.08
C PRO A 27 -3.06 -2.37 7.90
N PHE A 28 -3.75 -2.21 6.78
CA PHE A 28 -4.43 -0.96 6.42
C PHE A 28 -3.41 0.16 6.20
N VAL A 29 -2.14 -0.23 6.12
CA VAL A 29 -1.03 0.69 5.88
C VAL A 29 0.05 -0.10 5.18
N CYS A 30 1.04 0.58 4.64
CA CYS A 30 2.13 -0.08 3.97
C CYS A 30 3.23 -0.41 4.98
N VAL A 31 4.01 -1.43 4.72
CA VAL A 31 5.08 -1.81 5.63
C VAL A 31 6.32 -2.16 4.84
N ALA A 1 0.37 4.37 -8.76
CA ALA A 1 1.60 5.02 -8.23
C ALA A 1 1.90 4.47 -6.85
N CYS A 2 3.16 4.50 -6.46
CA CYS A 2 3.56 4.01 -5.15
C CYS A 2 3.45 5.14 -4.13
N SER A 3 3.03 4.82 -2.91
CA SER A 3 2.86 5.86 -1.90
C SER A 3 3.83 5.67 -0.72
N LYS A 4 3.50 6.34 0.39
CA LYS A 4 4.32 6.29 1.61
C LYS A 4 4.04 5.03 2.40
N LYS A 5 5.04 4.56 3.13
CA LYS A 5 4.89 3.36 3.93
C LYS A 5 3.76 3.48 4.94
N TRP A 6 3.79 4.48 5.76
CA TRP A 6 2.76 4.63 6.76
C TRP A 6 1.50 5.27 6.18
N GLU A 7 1.33 5.14 4.87
CA GLU A 7 0.16 5.66 4.19
C GLU A 7 -1.02 4.72 4.45
N TYR A 8 -2.16 5.30 4.80
CA TYR A 8 -3.36 4.53 5.07
C TYR A 8 -4.00 4.08 3.75
N CYS A 9 -3.30 3.21 3.04
CA CYS A 9 -3.74 2.70 1.74
C CYS A 9 -5.08 1.98 1.78
N ILE A 10 -5.42 1.41 2.94
CA ILE A 10 -6.68 0.67 3.10
C ILE A 10 -6.68 -0.58 2.22
N VAL A 11 -6.10 -1.65 2.74
CA VAL A 11 -6.01 -2.90 2.02
C VAL A 11 -6.32 -4.06 2.94
N PRO A 12 -6.71 -5.23 2.39
CA PRO A 12 -7.02 -6.42 3.18
C PRO A 12 -5.83 -6.85 4.02
N ILE A 13 -6.09 -7.28 5.26
CA ILE A 13 -5.05 -7.72 6.19
C ILE A 13 -4.19 -8.84 5.60
N LEU A 14 -4.75 -9.56 4.62
CA LEU A 14 -4.04 -10.65 3.95
C LEU A 14 -2.78 -10.15 3.26
N GLY A 15 -2.81 -8.90 2.80
CA GLY A 15 -1.67 -8.33 2.13
C GLY A 15 -1.97 -7.92 0.71
N PHE A 16 -1.45 -6.77 0.31
CA PHE A 16 -1.66 -6.24 -1.04
C PHE A 16 -0.63 -5.17 -1.34
N VAL A 17 -0.01 -5.23 -2.51
CA VAL A 17 1.00 -4.24 -2.86
C VAL A 17 0.34 -2.91 -3.18
N TYR A 18 1.17 -1.89 -3.31
CA TYR A 18 0.73 -0.53 -3.63
C TYR A 18 1.95 0.38 -3.66
N CYS A 19 2.79 0.21 -2.65
CA CYS A 19 4.01 1.00 -2.51
C CYS A 19 5.03 0.63 -3.57
N CYS A 20 6.13 1.37 -3.60
CA CYS A 20 7.20 1.11 -4.53
C CYS A 20 7.90 -0.17 -4.12
N PRO A 21 8.63 -0.79 -5.05
CA PRO A 21 9.33 -2.04 -4.78
C PRO A 21 10.16 -1.96 -3.51
N GLY A 22 9.71 -2.70 -2.53
CA GLY A 22 10.34 -2.74 -1.24
C GLY A 22 9.33 -2.68 -0.12
N LEU A 23 8.28 -1.87 -0.30
CA LEU A 23 7.24 -1.73 0.71
C LEU A 23 5.94 -2.34 0.21
N ILE A 24 5.16 -2.93 1.12
CA ILE A 24 3.90 -3.56 0.77
C ILE A 24 2.81 -3.26 1.80
N CYS A 25 1.59 -3.01 1.33
CA CYS A 25 0.47 -2.72 2.22
C CYS A 25 -0.08 -4.00 2.87
N GLY A 26 -0.41 -3.90 4.15
CA GLY A 26 -0.93 -5.04 4.88
C GLY A 26 -2.07 -4.64 5.82
N PRO A 27 -1.76 -4.20 7.05
CA PRO A 27 -2.77 -3.78 8.03
C PRO A 27 -3.37 -2.41 7.73
N PHE A 28 -3.90 -2.29 6.51
CA PHE A 28 -4.52 -1.06 6.01
C PHE A 28 -3.48 0.07 5.91
N VAL A 29 -2.21 -0.31 5.97
CA VAL A 29 -1.10 0.62 5.85
C VAL A 29 0.05 -0.12 5.18
N CYS A 30 1.02 0.60 4.69
CA CYS A 30 2.15 -0.02 4.03
C CYS A 30 3.25 -0.33 5.03
N VAL A 31 4.04 -1.35 4.78
CA VAL A 31 5.11 -1.73 5.68
C VAL A 31 6.35 -2.09 4.89
N ALA A 1 2.97 3.45 -9.97
CA ALA A 1 2.34 4.20 -8.85
C ALA A 1 2.44 3.40 -7.57
N CYS A 2 2.63 4.09 -6.45
CA CYS A 2 2.75 3.41 -5.17
C CYS A 2 2.23 4.30 -4.04
N SER A 3 2.79 4.17 -2.84
CA SER A 3 2.35 4.96 -1.70
C SER A 3 3.40 4.90 -0.58
N LYS A 4 3.37 5.89 0.30
CA LYS A 4 4.30 5.96 1.43
C LYS A 4 4.04 4.78 2.37
N LYS A 5 5.10 4.28 3.00
CA LYS A 5 4.97 3.14 3.89
C LYS A 5 3.89 3.33 4.95
N TRP A 6 4.06 4.29 5.82
CA TRP A 6 3.10 4.52 6.87
C TRP A 6 1.91 5.31 6.34
N GLU A 7 1.64 5.19 5.06
CA GLU A 7 0.50 5.88 4.46
C GLU A 7 -0.67 4.91 4.41
N TYR A 8 -1.86 5.41 4.73
CA TYR A 8 -3.05 4.59 4.71
C TYR A 8 -3.33 4.08 3.30
N CYS A 9 -3.33 2.76 3.16
CA CYS A 9 -3.58 2.14 1.87
C CYS A 9 -5.06 2.25 1.50
N ILE A 10 -5.41 3.36 0.86
CA ILE A 10 -6.78 3.60 0.44
C ILE A 10 -7.21 2.61 -0.63
N VAL A 11 -6.22 2.06 -1.33
CA VAL A 11 -6.46 1.09 -2.38
C VAL A 11 -7.01 -0.21 -1.80
N PRO A 12 -8.02 -0.80 -2.47
CA PRO A 12 -8.66 -2.03 -2.01
C PRO A 12 -7.65 -3.15 -1.75
N ILE A 13 -7.67 -3.65 -0.52
CA ILE A 13 -6.77 -4.72 -0.06
C ILE A 13 -6.91 -5.96 -0.95
N LEU A 14 -7.99 -6.03 -1.71
CA LEU A 14 -8.24 -7.15 -2.61
C LEU A 14 -7.07 -7.34 -3.58
N GLY A 15 -6.46 -6.24 -4.00
CA GLY A 15 -5.32 -6.34 -4.90
C GLY A 15 -5.29 -5.22 -5.92
N PHE A 16 -5.46 -3.99 -5.45
CA PHE A 16 -5.44 -2.84 -6.34
C PHE A 16 -4.17 -2.03 -6.13
N VAL A 17 -3.51 -1.69 -7.24
CA VAL A 17 -2.26 -0.91 -7.22
C VAL A 17 -1.18 -1.69 -6.46
N TYR A 18 -0.15 -0.99 -6.02
CA TYR A 18 0.96 -1.62 -5.31
C TYR A 18 1.84 -0.56 -4.65
N CYS A 19 2.48 -0.93 -3.55
CA CYS A 19 3.38 -0.01 -2.85
C CYS A 19 4.68 0.15 -3.61
N CYS A 20 5.51 1.10 -3.18
CA CYS A 20 6.78 1.34 -3.83
C CYS A 20 7.68 0.14 -3.64
N PRO A 21 8.61 -0.11 -4.58
CA PRO A 21 9.51 -1.25 -4.48
C PRO A 21 10.21 -1.31 -3.14
N GLY A 22 9.91 -2.37 -2.42
CA GLY A 22 10.48 -2.56 -1.09
C GLY A 22 9.43 -2.54 -0.01
N LEU A 23 8.29 -1.91 -0.30
CA LEU A 23 7.20 -1.81 0.67
C LEU A 23 5.96 -2.54 0.16
N ILE A 24 5.12 -3.01 1.07
CA ILE A 24 3.91 -3.73 0.72
C ILE A 24 2.76 -3.37 1.66
N CYS A 25 1.58 -3.13 1.10
CA CYS A 25 0.39 -2.79 1.90
C CYS A 25 -0.04 -3.98 2.76
N GLY A 26 -0.36 -3.71 4.01
CA GLY A 26 -0.79 -4.76 4.93
C GLY A 26 -1.99 -4.33 5.75
N PRO A 27 -1.80 -4.04 7.05
CA PRO A 27 -2.88 -3.62 7.95
C PRO A 27 -3.40 -2.22 7.67
N PHE A 28 -3.91 -2.02 6.47
CA PHE A 28 -4.45 -0.74 6.01
C PHE A 28 -3.36 0.32 5.93
N VAL A 29 -2.10 -0.13 5.94
CA VAL A 29 -0.94 0.74 5.82
C VAL A 29 0.16 -0.06 5.15
N CYS A 30 1.13 0.61 4.60
CA CYS A 30 2.22 -0.08 3.93
C CYS A 30 3.33 -0.42 4.94
N VAL A 31 4.05 -1.49 4.68
CA VAL A 31 5.12 -1.89 5.58
C VAL A 31 6.33 -2.33 4.78
N ALA A 1 0.96 4.55 -9.32
CA ALA A 1 1.73 5.29 -8.30
C ALA A 1 1.92 4.43 -7.06
N CYS A 2 3.10 4.51 -6.46
CA CYS A 2 3.40 3.73 -5.26
C CYS A 2 3.07 4.52 -4.01
N SER A 3 2.46 3.84 -3.04
CA SER A 3 2.06 4.48 -1.80
C SER A 3 3.17 4.47 -0.75
N LYS A 4 3.18 5.50 0.08
CA LYS A 4 4.17 5.64 1.15
C LYS A 4 3.92 4.57 2.22
N LYS A 5 4.97 4.07 2.84
CA LYS A 5 4.85 3.02 3.84
C LYS A 5 3.79 3.31 4.89
N TRP A 6 4.03 4.27 5.73
CA TRP A 6 3.07 4.59 6.77
C TRP A 6 1.94 5.45 6.24
N GLU A 7 1.58 5.23 4.98
CA GLU A 7 0.49 5.99 4.37
C GLU A 7 -0.84 5.29 4.66
N TYR A 8 -1.54 4.91 3.61
CA TYR A 8 -2.81 4.22 3.75
C TYR A 8 -3.02 3.31 2.55
N CYS A 9 -3.49 2.11 2.80
CA CYS A 9 -3.72 1.15 1.73
C CYS A 9 -5.18 0.73 1.65
N ILE A 10 -5.48 -0.18 0.71
CA ILE A 10 -6.83 -0.68 0.49
C ILE A 10 -7.71 0.45 -0.08
N VAL A 11 -7.20 1.09 -1.12
CA VAL A 11 -7.89 2.19 -1.78
C VAL A 11 -7.85 1.93 -3.29
N PRO A 12 -8.94 2.26 -4.02
CA PRO A 12 -9.03 2.06 -5.47
C PRO A 12 -7.80 2.55 -6.25
N ILE A 13 -7.59 1.95 -7.41
CA ILE A 13 -6.45 2.26 -8.30
C ILE A 13 -6.24 3.77 -8.50
N LEU A 14 -7.30 4.55 -8.30
CA LEU A 14 -7.25 6.00 -8.46
C LEU A 14 -6.18 6.62 -7.55
N GLY A 15 -5.94 6.02 -6.40
CA GLY A 15 -4.95 6.55 -5.48
C GLY A 15 -4.72 5.64 -4.30
N PHE A 16 -3.50 5.69 -3.74
CA PHE A 16 -3.12 4.86 -2.59
C PHE A 16 -3.17 3.38 -2.95
N VAL A 17 -2.54 3.07 -4.09
CA VAL A 17 -2.48 1.70 -4.59
C VAL A 17 -1.24 0.99 -4.07
N TYR A 18 -0.65 0.19 -4.93
CA TYR A 18 0.54 -0.59 -4.63
C TYR A 18 1.66 0.29 -4.09
N CYS A 19 2.42 -0.26 -3.15
CA CYS A 19 3.53 0.46 -2.54
C CYS A 19 4.73 0.54 -3.45
N CYS A 20 5.71 1.35 -3.07
CA CYS A 20 6.94 1.50 -3.83
C CYS A 20 7.75 0.23 -3.67
N PRO A 21 8.61 -0.10 -4.65
CA PRO A 21 9.42 -1.31 -4.59
C PRO A 21 10.17 -1.41 -3.28
N GLY A 22 9.82 -2.43 -2.53
CA GLY A 22 10.42 -2.67 -1.24
C GLY A 22 9.40 -2.67 -0.12
N LEU A 23 8.34 -1.88 -0.29
CA LEU A 23 7.28 -1.79 0.69
C LEU A 23 6.06 -2.57 0.24
N ILE A 24 5.30 -3.11 1.17
CA ILE A 24 4.10 -3.88 0.84
C ILE A 24 2.92 -3.52 1.73
N CYS A 25 1.75 -3.31 1.11
CA CYS A 25 0.54 -2.96 1.84
C CYS A 25 0.12 -4.07 2.80
N GLY A 26 -0.32 -3.69 3.99
CA GLY A 26 -0.74 -4.65 4.98
C GLY A 26 -1.99 -4.20 5.73
N PRO A 27 -1.90 -4.03 7.07
CA PRO A 27 -3.03 -3.61 7.93
C PRO A 27 -3.50 -2.17 7.67
N PHE A 28 -4.03 -1.94 6.48
CA PHE A 28 -4.53 -0.62 6.06
C PHE A 28 -3.39 0.39 5.95
N VAL A 29 -2.16 -0.11 5.98
CA VAL A 29 -0.97 0.73 5.86
C VAL A 29 0.12 -0.12 5.22
N CYS A 30 1.12 0.53 4.68
CA CYS A 30 2.21 -0.18 4.04
C CYS A 30 3.30 -0.50 5.06
N VAL A 31 4.04 -1.56 4.83
CA VAL A 31 5.11 -1.94 5.73
C VAL A 31 6.34 -2.36 4.94
N ALA A 1 2.40 4.57 -9.80
CA ALA A 1 2.31 5.26 -8.49
C ALA A 1 2.49 4.25 -7.36
N CYS A 2 3.26 4.61 -6.36
CA CYS A 2 3.52 3.72 -5.23
C CYS A 2 3.07 4.34 -3.92
N SER A 3 2.42 3.54 -3.09
CA SER A 3 1.92 3.99 -1.81
C SER A 3 3.06 4.13 -0.80
N LYS A 4 2.98 5.19 0.01
CA LYS A 4 3.98 5.44 1.03
C LYS A 4 3.86 4.36 2.12
N LYS A 5 4.97 4.04 2.77
CA LYS A 5 4.95 3.01 3.80
C LYS A 5 3.89 3.28 4.86
N TRP A 6 4.05 4.31 5.62
CA TRP A 6 3.08 4.60 6.66
C TRP A 6 1.85 5.30 6.09
N GLU A 7 1.59 5.05 4.81
CA GLU A 7 0.41 5.61 4.16
C GLU A 7 -0.78 4.71 4.45
N TYR A 8 -1.91 5.31 4.78
CA TYR A 8 -3.12 4.55 5.09
C TYR A 8 -3.73 4.01 3.80
N CYS A 9 -3.13 2.94 3.27
CA CYS A 9 -3.58 2.32 2.03
C CYS A 9 -4.91 1.56 2.20
N ILE A 10 -5.95 2.28 2.61
CA ILE A 10 -7.28 1.69 2.77
C ILE A 10 -7.99 1.67 1.40
N VAL A 11 -7.23 1.31 0.38
CA VAL A 11 -7.71 1.25 -0.98
C VAL A 11 -8.46 -0.05 -1.26
N PRO A 12 -9.60 0.04 -1.95
CA PRO A 12 -10.42 -1.13 -2.30
C PRO A 12 -9.70 -2.05 -3.28
N ILE A 13 -10.01 -3.34 -3.21
CA ILE A 13 -9.40 -4.35 -4.09
C ILE A 13 -9.54 -4.00 -5.58
N LEU A 14 -10.53 -3.19 -5.92
CA LEU A 14 -10.77 -2.77 -7.30
C LEU A 14 -9.57 -1.99 -7.85
N GLY A 15 -8.86 -1.31 -6.97
CA GLY A 15 -7.71 -0.53 -7.38
C GLY A 15 -6.85 -0.15 -6.20
N PHE A 16 -6.33 -1.16 -5.51
CA PHE A 16 -5.50 -0.94 -4.33
C PHE A 16 -4.09 -0.45 -4.68
N VAL A 17 -3.83 -0.24 -5.97
CA VAL A 17 -2.53 0.24 -6.44
C VAL A 17 -1.41 -0.69 -5.95
N TYR A 18 -0.29 -0.11 -5.61
CA TYR A 18 0.86 -0.86 -5.14
C TYR A 18 1.85 0.07 -4.45
N CYS A 19 2.53 -0.43 -3.42
CA CYS A 19 3.51 0.35 -2.70
C CYS A 19 4.80 0.49 -3.50
N CYS A 20 5.71 1.33 -3.02
CA CYS A 20 6.98 1.53 -3.67
C CYS A 20 7.81 0.26 -3.55
N PRO A 21 8.72 0.01 -4.49
CA PRO A 21 9.54 -1.18 -4.46
C PRO A 21 10.24 -1.37 -3.12
N GLY A 22 9.86 -2.44 -2.46
CA GLY A 22 10.41 -2.74 -1.15
C GLY A 22 9.34 -2.70 -0.07
N LEU A 23 8.28 -1.92 -0.29
CA LEU A 23 7.21 -1.79 0.67
C LEU A 23 5.97 -2.53 0.19
N ILE A 24 5.17 -3.04 1.12
CA ILE A 24 3.94 -3.75 0.78
C ILE A 24 2.79 -3.36 1.70
N CYS A 25 1.65 -3.03 1.11
CA CYS A 25 0.46 -2.64 1.89
C CYS A 25 -0.05 -3.84 2.69
N GLY A 26 -0.38 -3.60 3.95
CA GLY A 26 -0.86 -4.67 4.80
C GLY A 26 -2.04 -4.27 5.66
N PRO A 27 -1.83 -4.07 6.98
CA PRO A 27 -2.90 -3.69 7.92
C PRO A 27 -3.39 -2.25 7.74
N PHE A 28 -3.91 -1.97 6.56
CA PHE A 28 -4.43 -0.65 6.19
C PHE A 28 -3.31 0.38 6.14
N VAL A 29 -2.06 -0.11 6.13
CA VAL A 29 -0.88 0.73 6.04
C VAL A 29 0.20 -0.10 5.35
N CYS A 30 1.16 0.54 4.74
CA CYS A 30 2.21 -0.17 4.06
C CYS A 30 3.36 -0.44 5.03
N VAL A 31 4.14 -1.47 4.76
CA VAL A 31 5.26 -1.81 5.63
C VAL A 31 6.47 -2.17 4.80
N ALA A 1 -0.22 3.76 -9.07
CA ALA A 1 0.81 4.44 -8.24
C ALA A 1 1.00 3.66 -6.95
N CYS A 2 2.16 3.85 -6.31
CA CYS A 2 2.45 3.16 -5.06
C CYS A 2 1.94 3.99 -3.88
N SER A 3 2.62 3.92 -2.74
CA SER A 3 2.20 4.66 -1.56
C SER A 3 3.27 4.61 -0.47
N LYS A 4 3.29 5.64 0.36
CA LYS A 4 4.24 5.73 1.47
C LYS A 4 3.98 4.60 2.47
N LYS A 5 5.03 4.10 3.09
CA LYS A 5 4.89 3.01 4.03
C LYS A 5 3.84 3.30 5.09
N TRP A 6 4.08 4.27 5.91
CA TRP A 6 3.14 4.61 6.96
C TRP A 6 2.03 5.50 6.41
N GLU A 7 1.66 5.27 5.15
CA GLU A 7 0.59 6.05 4.54
C GLU A 7 -0.77 5.47 4.96
N TYR A 8 -1.60 5.11 3.98
CA TYR A 8 -2.91 4.55 4.25
C TYR A 8 -3.46 3.94 2.96
N CYS A 9 -2.71 3.02 2.38
CA CYS A 9 -3.07 2.36 1.13
C CYS A 9 -4.40 1.60 1.24
N ILE A 10 -4.49 0.73 2.26
CA ILE A 10 -5.69 -0.08 2.50
C ILE A 10 -5.91 -1.10 1.38
N VAL A 11 -5.83 -2.37 1.71
CA VAL A 11 -6.04 -3.42 0.73
C VAL A 11 -7.53 -3.74 0.60
N PRO A 12 -8.07 -3.67 -0.63
CA PRO A 12 -9.48 -3.96 -0.88
C PRO A 12 -9.81 -5.43 -0.67
N ILE A 13 -10.96 -5.69 -0.04
CA ILE A 13 -11.39 -7.06 0.23
C ILE A 13 -11.37 -7.93 -1.03
N LEU A 14 -11.75 -7.34 -2.15
CA LEU A 14 -11.78 -8.06 -3.42
C LEU A 14 -10.49 -7.85 -4.22
N GLY A 15 -9.37 -7.69 -3.54
CA GLY A 15 -8.11 -7.50 -4.26
C GLY A 15 -6.98 -7.07 -3.35
N PHE A 16 -6.13 -6.19 -3.86
CA PHE A 16 -4.99 -5.68 -3.10
C PHE A 16 -4.28 -4.60 -3.91
N VAL A 17 -3.71 -3.62 -3.22
CA VAL A 17 -2.99 -2.53 -3.89
C VAL A 17 -1.52 -2.89 -3.94
N TYR A 18 -0.70 -1.95 -4.36
CA TYR A 18 0.74 -2.18 -4.45
C TYR A 18 1.51 -0.94 -4.00
N CYS A 19 2.55 -1.17 -3.23
CA CYS A 19 3.38 -0.08 -2.73
C CYS A 19 4.59 0.12 -3.62
N CYS A 20 5.45 1.05 -3.24
CA CYS A 20 6.65 1.32 -4.00
C CYS A 20 7.61 0.16 -3.80
N PRO A 21 8.49 -0.12 -4.77
CA PRO A 21 9.42 -1.22 -4.66
C PRO A 21 10.18 -1.22 -3.34
N GLY A 22 9.90 -2.23 -2.55
CA GLY A 22 10.52 -2.37 -1.25
C GLY A 22 9.50 -2.42 -0.12
N LEU A 23 8.34 -1.79 -0.32
CA LEU A 23 7.30 -1.77 0.70
C LEU A 23 6.08 -2.59 0.26
N ILE A 24 5.35 -3.12 1.23
CA ILE A 24 4.15 -3.91 0.94
C ILE A 24 2.97 -3.44 1.80
N CYS A 25 1.82 -3.27 1.16
CA CYS A 25 0.62 -2.82 1.86
C CYS A 25 0.02 -3.95 2.68
N GLY A 26 -0.35 -3.66 3.92
CA GLY A 26 -0.91 -4.68 4.79
C GLY A 26 -2.12 -4.20 5.58
N PRO A 27 -1.96 -4.00 6.91
CA PRO A 27 -3.05 -3.56 7.81
C PRO A 27 -3.52 -2.12 7.56
N PHE A 28 -4.02 -1.87 6.37
CA PHE A 28 -4.51 -0.56 5.95
C PHE A 28 -3.37 0.46 5.90
N VAL A 29 -2.13 -0.05 5.94
CA VAL A 29 -0.93 0.78 5.86
C VAL A 29 0.15 -0.06 5.22
N CYS A 30 1.16 0.58 4.70
CA CYS A 30 2.25 -0.13 4.07
C CYS A 30 3.33 -0.45 5.11
N VAL A 31 4.09 -1.51 4.87
CA VAL A 31 5.13 -1.91 5.79
C VAL A 31 6.36 -2.35 5.01
N ALA A 1 1.30 4.74 -9.33
CA ALA A 1 1.87 5.44 -8.16
C ALA A 1 2.04 4.48 -6.99
N CYS A 2 3.15 4.60 -6.29
CA CYS A 2 3.44 3.74 -5.16
C CYS A 2 3.01 4.41 -3.85
N SER A 3 2.42 3.61 -2.96
CA SER A 3 1.95 4.11 -1.67
C SER A 3 3.10 4.20 -0.68
N LYS A 4 3.05 5.21 0.19
CA LYS A 4 4.09 5.41 1.20
C LYS A 4 3.91 4.37 2.30
N LYS A 5 4.98 4.05 3.01
CA LYS A 5 4.89 3.05 4.07
C LYS A 5 3.78 3.35 5.05
N TRP A 6 3.91 4.41 5.80
CA TRP A 6 2.89 4.74 6.77
C TRP A 6 1.72 5.46 6.12
N GLU A 7 1.51 5.17 4.83
CA GLU A 7 0.40 5.75 4.10
C GLU A 7 -0.78 4.78 4.18
N TYR A 8 -1.96 5.29 4.48
CA TYR A 8 -3.14 4.46 4.61
C TYR A 8 -3.62 3.92 3.28
N CYS A 9 -3.05 2.79 2.88
CA CYS A 9 -3.43 2.13 1.63
C CYS A 9 -4.73 1.37 1.80
N ILE A 10 -5.81 2.11 2.07
CA ILE A 10 -7.14 1.53 2.29
C ILE A 10 -7.75 0.97 1.00
N VAL A 11 -7.01 0.12 0.32
CA VAL A 11 -7.47 -0.49 -0.92
C VAL A 11 -8.51 -1.58 -0.65
N PRO A 12 -9.64 -1.53 -1.38
CA PRO A 12 -10.71 -2.51 -1.22
C PRO A 12 -10.45 -3.81 -1.99
N ILE A 13 -11.10 -4.89 -1.54
CA ILE A 13 -10.97 -6.23 -2.14
C ILE A 13 -9.53 -6.57 -2.54
N LEU A 14 -9.32 -6.88 -3.82
CA LEU A 14 -7.99 -7.24 -4.32
C LEU A 14 -7.09 -6.01 -4.46
N GLY A 15 -7.34 -5.02 -3.64
CA GLY A 15 -6.55 -3.81 -3.67
C GLY A 15 -6.89 -2.90 -4.84
N PHE A 16 -5.90 -2.17 -5.29
CA PHE A 16 -6.04 -1.24 -6.41
C PHE A 16 -4.72 -0.55 -6.66
N VAL A 17 -4.15 0.01 -5.60
CA VAL A 17 -2.87 0.70 -5.68
C VAL A 17 -1.75 -0.30 -5.32
N TYR A 18 -0.55 0.22 -5.16
CA TYR A 18 0.60 -0.61 -4.84
C TYR A 18 1.68 0.24 -4.18
N CYS A 19 2.42 -0.35 -3.25
CA CYS A 19 3.49 0.35 -2.56
C CYS A 19 4.72 0.49 -3.44
N CYS A 20 5.67 1.29 -2.99
CA CYS A 20 6.91 1.50 -3.71
C CYS A 20 7.73 0.22 -3.64
N PRO A 21 8.61 -0.04 -4.62
CA PRO A 21 9.43 -1.24 -4.63
C PRO A 21 10.17 -1.42 -3.32
N GLY A 22 9.83 -2.50 -2.65
CA GLY A 22 10.42 -2.81 -1.37
C GLY A 22 9.40 -2.76 -0.24
N LEU A 23 8.36 -1.95 -0.41
CA LEU A 23 7.31 -1.82 0.59
C LEU A 23 6.08 -2.61 0.19
N ILE A 24 5.32 -3.09 1.17
CA ILE A 24 4.12 -3.86 0.88
C ILE A 24 2.95 -3.42 1.78
N CYS A 25 1.81 -3.18 1.16
CA CYS A 25 0.61 -2.77 1.89
C CYS A 25 0.10 -3.92 2.75
N GLY A 26 -0.30 -3.62 3.98
CA GLY A 26 -0.78 -4.65 4.88
C GLY A 26 -2.01 -4.22 5.66
N PRO A 27 -1.87 -3.99 6.99
CA PRO A 27 -2.98 -3.60 7.86
C PRO A 27 -3.48 -2.17 7.62
N PHE A 28 -3.95 -1.93 6.40
CA PHE A 28 -4.47 -0.63 5.97
C PHE A 28 -3.36 0.41 5.95
N VAL A 29 -2.11 -0.07 5.98
CA VAL A 29 -0.92 0.76 5.93
C VAL A 29 0.18 -0.07 5.30
N CYS A 30 1.16 0.58 4.71
CA CYS A 30 2.26 -0.13 4.08
C CYS A 30 3.36 -0.40 5.11
N VAL A 31 4.21 -1.38 4.84
CA VAL A 31 5.29 -1.70 5.75
C VAL A 31 6.56 -2.00 4.97
#